data_2O5Z
#
_entry.id   2O5Z
#
_cell.length_a   127.328
_cell.length_b   127.328
_cell.length_c   91.963
_cell.angle_alpha   90.00
_cell.angle_beta   90.00
_cell.angle_gamma   120.00
#
_symmetry.space_group_name_H-M   'P 31 2 1'
#
loop_
_entity.id
_entity.type
_entity.pdbx_description
1 polymer 'chimeric antibody Fab 1E9-DB3'
2 polymer 'chimeric antibody Fab 1E9-DB3'
3 non-polymer 'SULFATE ION'
4 non-polymer 5-BETA-ANDROSTANE-3,17-DIONE
5 water water
#
loop_
_entity_poly.entity_id
_entity_poly.type
_entity_poly.pdbx_seq_one_letter_code
_entity_poly.pdbx_strand_id
1 'polypeptide(L)'
;ELVMTQTPLSLPVSLGDQASISCRSSQSLVHSNGNTYLHWYLQKPGQSPKFLIYKVSNRFSGVPDRFSGSGSGTDFILKI
SRVEAEDLGVYFCFQSTHFFPTFGGGTKLEIKRTVAAPSVFIFPPSDEQLKSGTASVVCLLNNFYPREAKVQWKVDNALQ
SGNSQESVTEQDSKDSTYSLSSTLTLSKADYEKHKVYACEVTHQGLSSPVTKSFNRGEC
;
L
2 'polypeptide(L)'
;QVQLVQSGPELKKPGETVKISCKASGYMFTNYGMNWVKQAPGKALKWMGWINPYTGESTFADDFKGRFAFFLETSATTAY
LQINNLKNEDTATYFCARGTTIVWAMDYWGQGTSVTVSSASTKGPSVFPLAPSSKSTSGGTAALGCLVKDYFPEPVTVSW
NSGALTSGVHTFPAVLQSSGLYSLSSVVTVPSSSLGTQTYICNVNHKPSNTKVDKKVEPLSCDKTHT
;
H
#
# COMPACT_ATOMS: atom_id res chain seq x y z
N GLU A 1 25.82 11.45 -14.06
CA GLU A 1 24.50 10.81 -13.86
C GLU A 1 24.54 9.33 -14.30
N LEU A 2 25.07 8.46 -13.44
CA LEU A 2 25.10 7.04 -13.78
C LEU A 2 23.67 6.52 -13.80
N VAL A 3 23.36 5.64 -14.74
CA VAL A 3 22.05 4.99 -14.67
C VAL A 3 22.18 3.61 -14.04
N MET A 4 21.21 3.27 -13.21
CA MET A 4 21.08 1.95 -12.61
C MET A 4 19.94 1.19 -13.27
N THR A 5 20.27 0.22 -14.13
CA THR A 5 19.26 -0.61 -14.79
C THR A 5 19.04 -1.92 -14.03
N GLN A 6 17.80 -2.14 -13.63
CA GLN A 6 17.44 -3.32 -12.86
C GLN A 6 16.50 -4.16 -13.73
N THR A 7 16.88 -5.41 -14.00
CA THR A 7 16.03 -6.32 -14.76
C THR A 7 15.76 -7.60 -13.92
N PRO A 8 14.63 -8.29 -14.17
CA PRO A 8 13.46 -7.84 -14.95
C PRO A 8 12.61 -6.84 -14.16
N LEU A 9 11.62 -6.26 -14.80
CA LEU A 9 10.67 -5.40 -14.08
C LEU A 9 9.78 -6.20 -13.11
N SER A 10 9.32 -7.38 -13.53
CA SER A 10 8.56 -8.31 -12.68
C SER A 10 9.12 -9.71 -12.84
N LEU A 11 9.17 -10.42 -11.73
CA LEU A 11 9.74 -11.73 -11.71
C LEU A 11 8.76 -12.68 -11.01
N PRO A 12 8.04 -13.48 -11.80
CA PRO A 12 7.23 -14.57 -11.23
C PRO A 12 8.12 -15.74 -10.83
N VAL A 13 7.93 -16.23 -9.61
CA VAL A 13 8.75 -17.33 -9.12
C VAL A 13 7.87 -18.25 -8.27
N SER A 14 8.08 -19.56 -8.35
CA SER A 14 7.28 -20.49 -7.52
C SER A 14 7.86 -20.58 -6.13
N LEU A 15 7.03 -20.93 -5.14
CA LEU A 15 7.48 -21.21 -3.77
C LEU A 15 8.57 -22.24 -3.77
N GLY A 16 9.65 -21.98 -3.04
CA GLY A 16 10.72 -22.96 -2.93
C GLY A 16 11.67 -22.91 -4.12
N ASP A 17 11.35 -22.15 -5.17
CA ASP A 17 12.31 -21.93 -6.26
C ASP A 17 13.27 -20.77 -5.99
N GLN A 18 14.30 -20.63 -6.83
CA GLN A 18 15.27 -19.55 -6.74
C GLN A 18 14.89 -18.36 -7.62
N ALA A 19 15.01 -17.16 -7.09
CA ALA A 19 14.79 -15.94 -7.88
C ALA A 19 16.09 -15.16 -8.03
N SER A 20 16.32 -14.62 -9.22
CA SER A 20 17.52 -13.85 -9.56
C SER A 20 17.20 -12.46 -10.09
N ILE A 21 17.68 -11.44 -9.39
CA ILE A 21 17.44 -10.07 -9.82
C ILE A 21 18.75 -9.43 -10.21
N SER A 22 18.78 -8.88 -11.42
CA SER A 22 20.01 -8.30 -11.91
C SER A 22 19.95 -6.79 -11.77
N CYS A 23 21.08 -6.19 -11.41
CA CYS A 23 21.16 -4.75 -11.38
C CYS A 23 22.45 -4.32 -12.08
N ARG A 24 22.33 -3.36 -12.99
CA ARG A 24 23.46 -2.97 -13.84
C ARG A 24 23.69 -1.49 -13.76
N SER A 25 24.96 -1.10 -13.62
CA SER A 25 25.34 0.29 -13.53
C SER A 25 26.04 0.71 -14.81
N SER A 26 25.84 1.95 -15.27
CA SER A 26 26.56 2.46 -16.46
C SER A 26 28.06 2.73 -16.20
N GLN A 27 28.46 2.74 -14.94
CA GLN A 27 29.87 2.84 -14.58
C GLN A 27 30.20 2.09 -13.29
N SER A 28 31.44 1.65 -13.18
CA SER A 28 31.91 0.85 -12.06
C SER A 28 31.55 1.44 -10.70
N LEU A 29 31.00 0.60 -9.83
CA LEU A 29 30.66 1.01 -8.48
C LEU A 29 31.77 0.79 -7.46
N VAL A 30 32.98 0.56 -7.95
CA VAL A 30 34.13 0.43 -7.08
C VAL A 30 34.68 1.83 -6.79
N HIS A 31 34.67 2.23 -5.52
CA HIS A 31 35.17 3.53 -5.10
C HIS A 31 36.69 3.51 -5.07
N SER A 32 37.33 4.63 -5.43
CA SER A 32 38.80 4.63 -5.46
C SER A 32 39.42 4.19 -4.13
N ASN A 33 38.62 4.29 -3.05
CA ASN A 33 38.99 3.74 -1.75
C ASN A 33 38.89 2.22 -1.64
N GLY A 34 38.54 1.53 -2.73
CA GLY A 34 38.54 0.06 -2.72
C GLY A 34 37.18 -0.60 -2.52
N ASN A 35 36.28 0.06 -1.79
CA ASN A 35 34.94 -0.49 -1.51
C ASN A 35 33.96 -0.36 -2.64
N THR A 36 32.96 -1.25 -2.64
CA THR A 36 31.86 -1.17 -3.60
C THR A 36 30.56 -0.90 -2.89
N TYR A 37 30.06 0.34 -3.03
CA TYR A 37 28.87 0.74 -2.30
C TYR A 37 27.53 0.45 -3.03
N LEU A 38 27.27 -0.84 -3.26
CA LEU A 38 26.00 -1.33 -3.81
C LEU A 38 25.15 -2.05 -2.75
N HIS A 39 23.92 -1.58 -2.57
CA HIS A 39 23.00 -2.11 -1.54
C HIS A 39 21.65 -2.52 -2.12
N TRP A 40 20.89 -3.30 -1.33
CA TRP A 40 19.57 -3.79 -1.70
C TRP A 40 18.57 -3.59 -0.59
N TYR A 41 17.41 -3.09 -1.01
CA TYR A 41 16.24 -2.88 -0.20
C TYR A 41 15.08 -3.66 -0.77
N LEU A 42 14.18 -4.03 0.11
CA LEU A 42 12.90 -4.60 -0.27
C LEU A 42 11.77 -3.76 0.31
N GLN A 43 10.77 -3.46 -0.50
CA GLN A 43 9.60 -2.75 -0.02
C GLN A 43 8.41 -3.66 -0.23
N LYS A 44 7.85 -4.14 0.88
CA LYS A 44 6.68 -5.00 0.89
C LYS A 44 5.45 -4.11 0.75
N PRO A 45 4.36 -4.65 0.18
CA PRO A 45 3.20 -3.83 -0.16
C PRO A 45 2.63 -3.08 1.05
N GLY A 46 2.47 -1.76 0.88
CA GLY A 46 2.00 -0.91 1.97
C GLY A 46 3.10 -0.39 2.90
N GLN A 47 4.22 -1.11 3.00
CA GLN A 47 5.26 -0.80 4.00
C GLN A 47 6.33 0.20 3.53
N SER A 48 7.10 0.74 4.47
CA SER A 48 8.37 1.39 4.08
C SER A 48 9.41 0.37 3.67
N PRO A 49 10.42 0.79 2.92
CA PRO A 49 11.48 -0.17 2.54
C PRO A 49 12.27 -0.71 3.75
N LYS A 50 12.86 -1.88 3.58
CA LYS A 50 13.68 -2.51 4.61
C LYS A 50 15.04 -2.83 4.00
N PHE A 51 16.09 -2.47 4.72
CA PHE A 51 17.46 -2.81 4.43
C PHE A 51 17.69 -4.30 4.38
N LEU A 52 18.28 -4.76 3.30
CA LEU A 52 18.44 -6.19 3.07
C LEU A 52 19.91 -6.61 2.97
N ILE A 53 20.65 -5.98 2.05
CA ILE A 53 22.01 -6.35 1.74
C ILE A 53 22.86 -5.07 1.70
N TYR A 54 24.05 -5.08 2.29
CA TYR A 54 24.96 -3.94 2.12
C TYR A 54 26.30 -4.37 1.53
N LYS A 55 26.93 -3.44 0.83
CA LYS A 55 28.22 -3.62 0.18
C LYS A 55 28.24 -4.97 -0.51
N VAL A 56 27.30 -5.12 -1.44
CA VAL A 56 27.27 -6.23 -2.39
C VAL A 56 26.74 -7.57 -1.83
N SER A 57 27.31 -8.06 -0.72
CA SER A 57 27.13 -9.46 -0.33
C SER A 57 26.93 -9.72 1.18
N ASN A 58 26.74 -8.66 1.96
CA ASN A 58 26.52 -8.80 3.39
C ASN A 58 25.09 -8.61 3.75
N ARG A 59 24.55 -9.52 4.56
CA ARG A 59 23.16 -9.44 5.00
C ARG A 59 23.06 -8.51 6.18
N PHE A 60 22.12 -7.58 6.12
CA PHE A 60 21.76 -6.81 7.28
C PHE A 60 21.21 -7.75 8.35
N SER A 61 21.29 -7.32 9.60
CA SER A 61 20.76 -8.00 10.77
C SER A 61 19.37 -8.60 10.57
N GLY A 62 19.14 -9.84 10.97
CA GLY A 62 17.82 -10.47 10.89
C GLY A 62 17.39 -10.95 9.50
N VAL A 63 18.14 -10.56 8.48
CA VAL A 63 17.91 -11.03 7.11
C VAL A 63 18.32 -12.53 6.95
N PRO A 64 17.34 -13.39 6.54
CA PRO A 64 17.55 -14.83 6.38
C PRO A 64 18.69 -15.15 5.39
N ASP A 65 19.36 -16.28 5.61
CA ASP A 65 20.46 -16.74 4.75
C ASP A 65 20.08 -17.06 3.31
N ARG A 66 18.79 -17.30 3.04
CA ARG A 66 18.35 -17.51 1.65
C ARG A 66 18.50 -16.27 0.74
N PHE A 67 18.89 -15.11 1.30
CA PHE A 67 19.15 -13.93 0.47
C PHE A 67 20.66 -13.81 0.32
N SER A 68 21.13 -13.73 -0.91
CA SER A 68 22.54 -13.40 -1.10
C SER A 68 22.77 -12.54 -2.31
N GLY A 69 23.78 -11.70 -2.21
CA GLY A 69 24.17 -10.78 -3.27
C GLY A 69 25.54 -11.15 -3.79
N SER A 70 25.80 -10.80 -5.04
CA SER A 70 27.09 -11.05 -5.62
C SER A 70 27.30 -10.03 -6.73
N GLY A 71 28.43 -10.14 -7.40
CA GLY A 71 28.74 -9.32 -8.55
C GLY A 71 29.89 -8.43 -8.23
N SER A 72 30.45 -7.80 -9.25
CA SER A 72 31.48 -6.79 -9.06
C SER A 72 31.46 -5.78 -10.19
N GLY A 73 32.08 -4.63 -9.96
CA GLY A 73 32.23 -3.62 -11.00
C GLY A 73 30.93 -2.96 -11.41
N THR A 74 30.33 -3.43 -12.49
CA THR A 74 29.09 -2.85 -12.99
C THR A 74 27.88 -3.81 -12.92
N ASP A 75 28.13 -5.07 -12.57
CA ASP A 75 27.08 -6.11 -12.65
C ASP A 75 26.87 -6.80 -11.32
N PHE A 76 25.63 -6.75 -10.84
CA PHE A 76 25.25 -7.27 -9.54
C PHE A 76 24.01 -8.12 -9.60
N ILE A 77 23.97 -9.18 -8.80
CA ILE A 77 22.81 -10.01 -8.69
C ILE A 77 22.37 -10.13 -7.25
N LEU A 78 21.05 -10.19 -7.04
CA LEU A 78 20.48 -10.61 -5.79
C LEU A 78 19.79 -11.94 -6.00
N LYS A 79 20.15 -12.95 -5.23
CA LYS A 79 19.52 -14.26 -5.37
C LYS A 79 18.73 -14.57 -4.13
N ILE A 80 17.49 -14.98 -4.35
CA ILE A 80 16.66 -15.42 -3.26
C ILE A 80 16.48 -16.89 -3.48
N SER A 81 17.10 -17.72 -2.66
CA SER A 81 16.91 -19.15 -2.83
CA SER A 81 16.92 -19.15 -2.78
C SER A 81 15.69 -19.61 -2.02
N ARG A 82 15.13 -20.74 -2.41
CA ARG A 82 13.99 -21.32 -1.69
C ARG A 82 12.98 -20.23 -1.31
N VAL A 83 12.30 -19.66 -2.31
CA VAL A 83 11.40 -18.53 -2.10
C VAL A 83 10.19 -18.82 -1.21
N GLU A 84 9.91 -17.85 -0.35
CA GLU A 84 8.81 -17.91 0.59
C GLU A 84 7.79 -16.83 0.31
N ALA A 85 6.57 -17.10 0.74
CA ALA A 85 5.48 -16.18 0.51
C ALA A 85 5.76 -14.78 1.03
N GLU A 86 6.45 -14.67 2.17
CA GLU A 86 6.79 -13.40 2.80
CA GLU A 86 6.69 -13.35 2.74
C GLU A 86 7.75 -12.56 1.97
N ASP A 87 8.41 -13.18 1.00
CA ASP A 87 9.45 -12.51 0.21
C ASP A 87 8.91 -11.58 -0.87
N LEU A 88 7.61 -11.60 -1.04
CA LEU A 88 6.87 -10.82 -2.00
C LEU A 88 7.09 -9.30 -1.80
N GLY A 89 7.30 -8.57 -2.89
CA GLY A 89 7.51 -7.14 -2.78
C GLY A 89 8.34 -6.64 -3.95
N VAL A 90 8.75 -5.37 -3.85
CA VAL A 90 9.61 -4.73 -4.83
C VAL A 90 11.02 -4.60 -4.25
N TYR A 91 12.00 -5.17 -4.94
CA TYR A 91 13.42 -5.12 -4.55
C TYR A 91 14.12 -3.99 -5.30
N PHE A 92 14.91 -3.19 -4.59
CA PHE A 92 15.61 -2.04 -5.18
C PHE A 92 17.08 -2.15 -4.89
N CYS A 93 17.93 -2.07 -5.90
CA CYS A 93 19.35 -1.83 -5.64
C CYS A 93 19.55 -0.33 -5.45
N PHE A 94 20.64 0.04 -4.81
CA PHE A 94 20.86 1.43 -4.47
C PHE A 94 22.36 1.56 -4.43
N GLN A 95 22.89 2.55 -5.15
CA GLN A 95 24.33 2.82 -5.11
C GLN A 95 24.64 4.15 -4.39
N SER A 96 25.72 4.14 -3.64
CA SER A 96 26.20 5.35 -2.98
C SER A 96 27.68 5.54 -3.20
N THR A 97 28.27 4.74 -4.09
CA THR A 97 29.65 5.01 -4.53
C THR A 97 29.85 6.40 -5.17
N HIS A 98 29.01 6.75 -6.14
CA HIS A 98 29.16 8.01 -6.88
C HIS A 98 28.10 9.02 -6.47
N PHE A 99 28.48 10.30 -6.42
CA PHE A 99 27.49 11.34 -6.20
C PHE A 99 26.61 11.55 -7.44
N PHE A 100 25.27 11.56 -7.32
CA PHE A 100 24.52 11.36 -6.10
C PHE A 100 23.98 9.93 -6.04
N PRO A 101 23.74 9.41 -4.82
CA PRO A 101 23.19 8.08 -4.70
C PRO A 101 21.91 7.90 -5.51
N THR A 102 21.77 6.71 -6.08
CA THR A 102 20.60 6.40 -6.92
C THR A 102 20.05 5.01 -6.67
N PHE A 103 18.74 4.88 -6.85
CA PHE A 103 18.07 3.57 -6.82
C PHE A 103 17.90 3.03 -8.23
N GLY A 104 17.79 1.71 -8.36
CA GLY A 104 17.33 1.13 -9.60
C GLY A 104 15.82 1.30 -9.68
N GLY A 105 15.21 0.91 -10.80
CA GLY A 105 13.78 1.07 -10.98
C GLY A 105 12.94 0.08 -10.20
N GLY A 106 13.57 -0.91 -9.56
CA GLY A 106 12.85 -1.93 -8.77
C GLY A 106 12.40 -3.15 -9.58
N THR A 107 12.27 -4.28 -8.90
CA THR A 107 11.78 -5.49 -9.52
C THR A 107 10.70 -6.03 -8.61
N LYS A 108 9.52 -6.28 -9.15
CA LYS A 108 8.41 -6.76 -8.36
C LYS A 108 8.47 -8.27 -8.35
N LEU A 109 8.72 -8.84 -7.18
CA LEU A 109 8.76 -10.27 -7.12
C LEU A 109 7.35 -10.77 -6.92
N GLU A 110 6.85 -11.59 -7.83
CA GLU A 110 5.54 -12.21 -7.61
C GLU A 110 5.55 -13.75 -7.53
N ILE A 111 4.80 -14.29 -6.59
CA ILE A 111 4.73 -15.72 -6.35
C ILE A 111 3.77 -16.43 -7.30
N LYS A 112 4.23 -17.52 -7.90
CA LYS A 112 3.31 -18.40 -8.57
C LYS A 112 2.90 -19.46 -7.57
N ARG A 113 1.62 -19.80 -7.59
CA ARG A 113 1.09 -20.83 -6.73
C ARG A 113 -0.01 -21.52 -7.48
N THR A 114 -0.60 -22.58 -6.91
CA THR A 114 -1.68 -23.29 -7.58
C THR A 114 -2.93 -22.43 -7.60
N VAL A 115 -3.73 -22.64 -8.63
CA VAL A 115 -5.06 -22.10 -8.72
C VAL A 115 -5.84 -22.33 -7.40
N ALA A 116 -6.60 -21.31 -6.98
CA ALA A 116 -7.44 -21.35 -5.79
C ALA A 116 -8.71 -20.60 -6.12
N ALA A 117 -9.86 -21.20 -5.83
CA ALA A 117 -11.16 -20.65 -6.16
C ALA A 117 -11.54 -19.56 -5.17
N PRO A 118 -12.24 -18.51 -5.64
CA PRO A 118 -12.69 -17.49 -4.68
C PRO A 118 -13.86 -17.93 -3.87
N SER A 119 -13.93 -17.45 -2.63
CA SER A 119 -15.21 -17.45 -1.91
C SER A 119 -15.90 -16.13 -2.27
N VAL A 120 -17.21 -16.18 -2.53
CA VAL A 120 -17.93 -15.01 -3.05
C VAL A 120 -18.99 -14.56 -2.05
N PHE A 121 -19.08 -13.26 -1.81
CA PHE A 121 -20.10 -12.68 -0.91
C PHE A 121 -20.70 -11.45 -1.54
N ILE A 122 -21.99 -11.24 -1.31
CA ILE A 122 -22.65 -10.02 -1.78
C ILE A 122 -23.20 -9.22 -0.59
N PHE A 123 -23.12 -7.89 -0.67
CA PHE A 123 -23.63 -7.02 0.41
C PHE A 123 -24.60 -6.00 -0.15
N PRO A 124 -25.82 -5.98 0.38
CA PRO A 124 -26.78 -4.97 -0.04
C PRO A 124 -26.32 -3.65 0.53
N PRO A 125 -26.84 -2.52 0.00
CA PRO A 125 -26.66 -1.22 0.64
C PRO A 125 -27.18 -1.21 2.09
N SER A 126 -26.50 -0.47 2.97
CA SER A 126 -27.02 -0.20 4.30
C SER A 126 -28.14 0.83 4.21
N ASP A 127 -28.97 0.89 5.24
CA ASP A 127 -30.09 1.82 5.23
C ASP A 127 -29.59 3.22 5.50
N GLU A 128 -28.52 3.30 6.27
CA GLU A 128 -27.83 4.54 6.51
C GLU A 128 -27.50 5.18 5.18
N GLN A 129 -26.94 4.38 4.25
CA GLN A 129 -26.59 4.88 2.91
C GLN A 129 -27.81 5.26 2.08
N LEU A 130 -28.79 4.37 2.01
CA LEU A 130 -30.02 4.67 1.30
C LEU A 130 -30.63 6.00 1.74
N LYS A 131 -30.72 6.24 3.05
CA LYS A 131 -31.27 7.51 3.51
C LYS A 131 -30.30 8.70 3.37
N SER A 132 -29.16 8.49 2.71
CA SER A 132 -28.32 9.59 2.30
C SER A 132 -28.46 9.84 0.79
N GLY A 133 -29.24 8.98 0.11
CA GLY A 133 -29.56 9.17 -1.30
C GLY A 133 -28.86 8.35 -2.37
N THR A 134 -27.97 7.44 -1.96
CA THR A 134 -27.34 6.54 -2.94
C THR A 134 -27.30 5.08 -2.48
N ALA A 135 -26.93 4.18 -3.38
CA ALA A 135 -26.89 2.78 -3.10
C ALA A 135 -25.72 2.11 -3.78
N SER A 136 -24.81 1.56 -2.97
CA SER A 136 -23.69 0.76 -3.47
C SER A 136 -23.91 -0.70 -3.12
N VAL A 137 -23.74 -1.58 -4.10
CA VAL A 137 -23.82 -3.01 -3.85
C VAL A 137 -22.42 -3.58 -3.99
N VAL A 138 -22.01 -4.40 -3.02
CA VAL A 138 -20.63 -4.86 -2.95
C VAL A 138 -20.54 -6.37 -3.04
N CYS A 139 -19.78 -6.80 -4.02
CA CYS A 139 -19.49 -8.22 -4.25
C CYS A 139 -18.00 -8.46 -3.92
N LEU A 140 -17.74 -9.44 -3.07
CA LEU A 140 -16.38 -9.73 -2.63
C LEU A 140 -15.96 -11.11 -3.13
N LEU A 141 -14.81 -11.16 -3.80
CA LEU A 141 -14.16 -12.42 -4.18
C LEU A 141 -12.98 -12.55 -3.27
N ASN A 142 -13.04 -13.52 -2.37
CA ASN A 142 -12.02 -13.65 -1.33
C ASN A 142 -11.05 -14.79 -1.61
N ASN A 143 -9.75 -14.52 -1.49
CA ASN A 143 -8.66 -15.53 -1.49
C ASN A 143 -8.58 -16.44 -2.74
N PHE A 144 -8.16 -15.88 -3.87
CA PHE A 144 -8.16 -16.66 -5.10
C PHE A 144 -6.81 -16.44 -5.82
N TYR A 145 -6.50 -17.31 -6.77
CA TYR A 145 -5.31 -17.24 -7.62
C TYR A 145 -5.70 -18.02 -8.89
N PRO A 146 -5.35 -17.54 -10.09
CA PRO A 146 -4.65 -16.32 -10.42
C PRO A 146 -5.51 -15.06 -10.25
N ARG A 147 -4.89 -13.92 -10.53
CA ARG A 147 -5.52 -12.60 -10.44
C ARG A 147 -6.70 -12.42 -11.40
N GLU A 148 -6.57 -12.89 -12.63
CA GLU A 148 -7.62 -12.85 -13.62
CA GLU A 148 -7.66 -12.81 -13.60
C GLU A 148 -8.93 -13.41 -13.02
N ALA A 149 -10.01 -12.63 -13.04
CA ALA A 149 -11.33 -13.07 -12.62
C ALA A 149 -12.33 -12.18 -13.36
N LYS A 150 -13.48 -12.74 -13.70
CA LYS A 150 -14.56 -11.98 -14.31
C LYS A 150 -15.73 -11.87 -13.34
N VAL A 151 -16.17 -10.63 -13.15
CA VAL A 151 -17.34 -10.37 -12.31
C VAL A 151 -18.34 -9.64 -13.15
N GLN A 152 -19.54 -10.21 -13.22
CA GLN A 152 -20.63 -9.61 -13.96
C GLN A 152 -21.73 -9.30 -12.97
N TRP A 153 -22.35 -8.14 -13.15
CA TRP A 153 -23.51 -7.75 -12.35
C TRP A 153 -24.76 -7.92 -13.16
N LYS A 154 -25.76 -8.56 -12.57
CA LYS A 154 -27.07 -8.69 -13.17
C LYS A 154 -28.11 -8.14 -12.18
N VAL A 155 -28.96 -7.27 -12.71
CA VAL A 155 -29.96 -6.54 -11.95
C VAL A 155 -31.28 -6.92 -12.61
N ASP A 156 -32.13 -7.65 -11.88
CA ASP A 156 -33.31 -8.34 -12.46
C ASP A 156 -32.96 -9.11 -13.71
N ASN A 157 -31.82 -9.80 -13.66
CA ASN A 157 -31.32 -10.67 -14.74
C ASN A 157 -30.84 -9.95 -16.02
N ALA A 158 -30.67 -8.64 -15.95
CA ALA A 158 -30.06 -7.88 -17.04
C ALA A 158 -28.58 -7.60 -16.71
N LEU A 159 -27.69 -7.79 -17.69
CA LEU A 159 -26.26 -7.49 -17.55
C LEU A 159 -26.05 -5.99 -17.39
N GLN A 160 -25.20 -5.58 -16.44
CA GLN A 160 -24.89 -4.15 -16.28
C GLN A 160 -23.60 -3.79 -17.00
N SER A 161 -23.58 -2.63 -17.64
CA SER A 161 -22.39 -2.09 -18.26
C SER A 161 -21.85 -0.89 -17.45
N GLY A 162 -20.53 -0.69 -17.45
CA GLY A 162 -19.86 0.52 -16.90
C GLY A 162 -20.44 1.38 -15.78
N ASN A 163 -21.07 0.74 -14.77
CA ASN A 163 -21.48 1.41 -13.53
C ASN A 163 -20.94 0.73 -12.24
N SER A 164 -19.86 -0.05 -12.38
CA SER A 164 -19.20 -0.69 -11.24
C SER A 164 -17.68 -0.43 -11.30
N GLN A 165 -17.00 -0.72 -10.19
CA GLN A 165 -15.57 -0.44 -10.08
C GLN A 165 -14.98 -1.61 -9.36
N GLU A 166 -13.84 -2.08 -9.84
CA GLU A 166 -13.13 -3.20 -9.20
C GLU A 166 -11.94 -2.73 -8.41
N SER A 167 -11.65 -3.41 -7.31
CA SER A 167 -10.38 -3.13 -6.64
C SER A 167 -9.83 -4.47 -6.20
N VAL A 168 -8.51 -4.62 -6.32
CA VAL A 168 -7.81 -5.90 -6.02
C VAL A 168 -6.70 -5.66 -5.02
N THR A 169 -6.61 -6.50 -4.00
CA THR A 169 -5.49 -6.36 -3.06
C THR A 169 -4.20 -6.78 -3.73
N GLU A 170 -3.11 -6.54 -3.04
CA GLU A 170 -1.81 -7.15 -3.33
C GLU A 170 -1.85 -8.64 -2.98
N GLN A 171 -0.91 -9.43 -3.48
CA GLN A 171 -0.83 -10.87 -3.06
C GLN A 171 -0.63 -10.96 -1.56
N ASP A 172 -1.38 -11.85 -0.94
CA ASP A 172 -1.28 -12.08 0.49
C ASP A 172 0.08 -12.64 0.86
N SER A 173 0.65 -12.14 1.95
CA SER A 173 2.02 -12.50 2.23
C SER A 173 2.12 -13.83 2.95
N LYS A 174 1.00 -14.50 3.19
CA LYS A 174 1.00 -15.83 3.81
C LYS A 174 0.61 -16.92 2.83
N ASP A 175 -0.44 -16.72 2.06
CA ASP A 175 -0.92 -17.73 1.12
C ASP A 175 -0.87 -17.34 -0.36
N SER A 176 -0.32 -16.15 -0.64
CA SER A 176 -0.15 -15.61 -2.00
C SER A 176 -1.42 -15.50 -2.86
N THR A 177 -2.58 -15.40 -2.21
CA THR A 177 -3.82 -15.26 -2.97
C THR A 177 -4.19 -13.79 -3.08
N TYR A 178 -5.20 -13.48 -3.87
CA TYR A 178 -5.74 -12.12 -3.99
C TYR A 178 -7.16 -12.09 -3.48
N SER A 179 -7.62 -10.87 -3.18
CA SER A 179 -9.04 -10.63 -3.07
C SER A 179 -9.40 -9.40 -3.84
N LEU A 180 -10.69 -9.30 -4.12
CA LEU A 180 -11.20 -8.32 -5.06
C LEU A 180 -12.60 -7.90 -4.59
N SER A 181 -12.83 -6.60 -4.66
CA SER A 181 -14.18 -6.05 -4.50
C SER A 181 -14.68 -5.52 -5.83
N SER A 182 -15.94 -5.84 -6.13
CA SER A 182 -16.64 -5.17 -7.20
C SER A 182 -17.79 -4.38 -6.58
N THR A 183 -17.85 -3.11 -6.92
CA THR A 183 -18.88 -2.24 -6.37
C THR A 183 -19.78 -1.66 -7.43
N LEU A 184 -21.07 -1.96 -7.32
CA LEU A 184 -22.07 -1.40 -8.20
C LEU A 184 -22.69 -0.20 -7.49
N THR A 185 -22.63 0.96 -8.11
CA THR A 185 -23.17 2.15 -7.47
CA THR A 185 -23.14 2.18 -7.51
C THR A 185 -24.32 2.71 -8.31
N LEU A 186 -25.48 2.77 -7.70
CA LEU A 186 -26.69 3.26 -8.33
C LEU A 186 -27.22 4.41 -7.50
N SER A 187 -28.10 5.24 -8.06
CA SER A 187 -28.80 6.23 -7.26
C SER A 187 -29.92 5.49 -6.54
N LYS A 188 -30.34 6.00 -5.38
CA LYS A 188 -31.38 5.36 -4.57
C LYS A 188 -32.65 5.06 -5.38
N ALA A 189 -33.09 6.03 -6.18
CA ALA A 189 -34.25 5.84 -7.05
C ALA A 189 -34.08 4.67 -8.02
N ASP A 190 -32.96 4.62 -8.73
CA ASP A 190 -32.63 3.54 -9.66
CA ASP A 190 -32.69 3.54 -9.67
C ASP A 190 -32.56 2.19 -8.94
N TYR A 191 -31.98 2.20 -7.75
CA TYR A 191 -31.87 0.99 -6.97
C TYR A 191 -33.25 0.42 -6.61
N GLU A 192 -34.22 1.28 -6.36
CA GLU A 192 -35.51 0.82 -5.89
C GLU A 192 -36.41 0.46 -7.04
N LYS A 193 -35.91 0.60 -8.27
CA LYS A 193 -36.68 0.20 -9.43
C LYS A 193 -36.57 -1.29 -9.67
N HIS A 194 -35.62 -1.93 -9.00
CA HIS A 194 -35.34 -3.34 -9.25
C HIS A 194 -35.39 -4.20 -7.99
N LYS A 195 -35.67 -5.49 -8.21
CA LYS A 195 -35.95 -6.43 -7.14
C LYS A 195 -34.75 -7.33 -6.88
N VAL A 196 -34.34 -8.13 -7.86
CA VAL A 196 -33.12 -9.00 -7.69
C VAL A 196 -31.75 -8.41 -8.08
N TYR A 197 -30.77 -8.57 -7.19
CA TYR A 197 -29.39 -8.12 -7.41
C TYR A 197 -28.41 -9.27 -7.25
N ALA A 198 -27.56 -9.45 -8.26
CA ALA A 198 -26.63 -10.60 -8.37
C ALA A 198 -25.25 -10.23 -8.96
N CYS A 199 -24.16 -10.74 -8.37
CA CYS A 199 -22.90 -10.83 -9.12
C CYS A 199 -22.60 -12.28 -9.49
N GLU A 200 -22.22 -12.49 -10.75
CA GLU A 200 -21.74 -13.76 -11.26
C GLU A 200 -20.22 -13.74 -11.43
N VAL A 201 -19.56 -14.74 -10.87
CA VAL A 201 -18.11 -14.84 -10.92
C VAL A 201 -17.63 -16.01 -11.78
N THR A 202 -16.75 -15.70 -12.74
CA THR A 202 -16.04 -16.68 -13.53
C THR A 202 -14.55 -16.63 -13.18
N HIS A 203 -13.95 -17.81 -12.99
CA HIS A 203 -12.58 -17.93 -12.54
C HIS A 203 -12.03 -19.32 -12.84
N GLN A 204 -10.74 -19.38 -13.16
CA GLN A 204 -10.04 -20.66 -13.39
C GLN A 204 -10.28 -21.77 -12.33
N GLY A 205 -10.38 -21.36 -11.06
CA GLY A 205 -10.73 -22.25 -9.96
C GLY A 205 -12.11 -22.84 -9.94
N LEU A 206 -13.10 -22.20 -10.58
CA LEU A 206 -14.46 -22.72 -10.57
C LEU A 206 -14.75 -23.54 -11.82
N SER A 207 -15.38 -24.70 -11.65
CA SER A 207 -15.67 -25.52 -12.82
C SER A 207 -16.74 -24.83 -13.66
N SER A 208 -17.60 -24.06 -13.01
CA SER A 208 -18.56 -23.20 -13.70
C SER A 208 -18.89 -21.99 -12.83
N PRO A 209 -19.45 -20.93 -13.44
CA PRO A 209 -19.50 -19.66 -12.71
C PRO A 209 -20.39 -19.71 -11.47
N VAL A 210 -20.09 -18.88 -10.49
CA VAL A 210 -20.81 -18.86 -9.23
C VAL A 210 -21.55 -17.53 -9.12
N THR A 211 -22.85 -17.60 -8.83
CA THR A 211 -23.67 -16.41 -8.68
C THR A 211 -24.08 -16.26 -7.22
N LYS A 212 -23.90 -15.06 -6.68
CA LYS A 212 -24.44 -14.71 -5.37
C LYS A 212 -25.44 -13.56 -5.54
N SER A 213 -26.59 -13.67 -4.90
CA SER A 213 -27.62 -12.65 -5.03
C SER A 213 -28.45 -12.38 -3.77
N PHE A 214 -29.24 -11.31 -3.83
CA PHE A 214 -30.23 -10.99 -2.78
C PHE A 214 -31.45 -10.30 -3.39
N ASN A 215 -32.58 -10.36 -2.69
CA ASN A 215 -33.78 -9.66 -3.11
C ASN A 215 -34.06 -8.44 -2.23
N ARG A 216 -34.17 -7.27 -2.87
CA ARG A 216 -34.07 -6.00 -2.16
C ARG A 216 -35.04 -5.96 -0.97
N GLY A 217 -34.49 -5.74 0.22
CA GLY A 217 -35.30 -5.73 1.43
C GLY A 217 -35.35 -7.09 2.10
N GLU A 218 -34.47 -7.99 1.67
CA GLU A 218 -34.38 -9.32 2.28
C GLU A 218 -33.61 -9.23 3.61
N GLN B 1 14.92 0.07 20.66
CA GLN B 1 15.28 -0.12 19.23
C GLN B 1 15.26 1.23 18.49
N VAL B 2 15.81 1.26 17.28
CA VAL B 2 15.76 2.44 16.45
C VAL B 2 14.35 2.64 15.89
N GLN B 3 13.82 3.85 16.03
CA GLN B 3 12.51 4.21 15.49
C GLN B 3 12.57 5.58 14.87
N LEU B 4 11.93 5.68 13.71
CA LEU B 4 11.75 6.93 13.00
C LEU B 4 10.26 7.11 12.76
N VAL B 5 9.64 8.05 13.48
CA VAL B 5 8.18 8.28 13.37
C VAL B 5 7.87 9.62 12.63
N GLN B 6 7.25 9.55 11.45
CA GLN B 6 6.99 10.76 10.64
C GLN B 6 5.63 11.37 10.96
N SER B 7 5.48 12.66 10.70
CA SER B 7 4.18 13.32 10.84
C SER B 7 3.13 12.83 9.80
N GLY B 8 1.88 13.27 9.95
CA GLY B 8 0.76 12.70 9.21
C GLY B 8 0.61 13.27 7.82
N PRO B 9 -0.35 12.73 7.05
CA PRO B 9 -0.60 13.16 5.65
C PRO B 9 -1.03 14.61 5.51
N GLU B 10 -0.64 15.23 4.40
CA GLU B 10 -0.93 16.65 4.18
C GLU B 10 -1.59 16.93 2.82
N LEU B 11 -2.48 17.91 2.82
CA LEU B 11 -3.07 18.40 1.61
C LEU B 11 -2.69 19.87 1.54
N LYS B 12 -2.21 20.33 0.39
CA LYS B 12 -1.76 21.70 0.25
C LYS B 12 -2.14 22.19 -1.13
N LYS B 13 -2.42 23.48 -1.23
CA LYS B 13 -2.70 24.10 -2.52
C LYS B 13 -1.36 24.30 -3.22
N PRO B 14 -1.37 24.29 -4.56
N PRO B 14 -1.36 24.27 -4.56
CA PRO B 14 -0.15 24.59 -5.32
CA PRO B 14 -0.14 24.58 -5.30
C PRO B 14 0.41 25.94 -4.89
C PRO B 14 0.40 25.94 -4.90
N GLY B 15 1.71 26.04 -4.70
CA GLY B 15 2.34 27.33 -4.36
C GLY B 15 2.59 27.52 -2.89
N GLU B 16 1.89 26.75 -2.06
CA GLU B 16 2.07 26.73 -0.61
C GLU B 16 3.36 26.01 -0.19
N THR B 17 3.65 26.06 1.11
CA THR B 17 4.81 25.43 1.72
C THR B 17 4.31 24.29 2.60
N VAL B 18 5.07 23.20 2.67
CA VAL B 18 4.83 22.13 3.63
C VAL B 18 6.13 21.74 4.39
N LYS B 19 6.00 21.51 5.68
CA LYS B 19 7.09 21.04 6.52
C LYS B 19 6.68 19.67 7.04
N ILE B 20 7.54 18.69 6.83
CA ILE B 20 7.30 17.30 7.27
C ILE B 20 8.30 16.93 8.35
N SER B 21 7.86 16.25 9.40
CA SER B 21 8.78 15.94 10.49
C SER B 21 9.07 14.44 10.68
N CYS B 22 10.22 14.13 11.24
CA CYS B 22 10.64 12.78 11.42
C CYS B 22 11.31 12.76 12.78
N LYS B 23 10.61 12.21 13.76
CA LYS B 23 11.09 12.12 15.13
C LYS B 23 11.93 10.84 15.30
N ALA B 24 13.20 10.98 15.69
CA ALA B 24 14.08 9.82 15.90
C ALA B 24 14.15 9.45 17.38
N SER B 25 14.27 8.16 17.67
CA SER B 25 14.56 7.71 19.03
C SER B 25 15.35 6.39 19.01
N GLY B 26 16.00 6.08 20.13
CA GLY B 26 16.63 4.81 20.27
C GLY B 26 18.08 4.79 19.83
N TYR B 27 18.65 5.95 19.53
CA TYR B 27 20.07 6.07 19.18
C TYR B 27 20.57 7.50 19.26
N MET B 28 21.89 7.68 19.20
CA MET B 28 22.50 9.01 19.32
C MET B 28 22.29 9.80 18.02
N PHE B 29 21.27 10.66 18.05
CA PHE B 29 20.77 11.43 16.91
C PHE B 29 21.83 12.07 16.01
N THR B 30 22.79 12.76 16.59
CA THR B 30 23.78 13.50 15.81
C THR B 30 24.82 12.63 15.10
N ASN B 31 24.89 11.34 15.45
CA ASN B 31 25.99 10.51 14.97
C ASN B 31 25.63 9.76 13.67
N TYR B 32 24.44 10.00 13.13
CA TYR B 32 24.02 9.32 11.91
C TYR B 32 23.36 10.35 11.02
N GLY B 33 23.52 10.19 9.71
CA GLY B 33 22.91 11.10 8.77
C GLY B 33 21.41 10.85 8.70
N MET B 34 20.68 11.84 8.17
CA MET B 34 19.26 11.73 7.88
C MET B 34 19.05 11.99 6.40
N ASN B 35 18.56 10.95 5.72
CA ASN B 35 18.30 10.96 4.28
C ASN B 35 16.82 11.17 4.05
N TRP B 36 16.49 11.90 2.98
CA TRP B 36 15.07 12.00 2.57
C TRP B 36 14.91 11.37 1.22
N VAL B 37 13.83 10.60 1.08
CA VAL B 37 13.57 9.86 -0.15
C VAL B 37 12.14 10.09 -0.61
N LYS B 38 11.99 10.38 -1.89
CA LYS B 38 10.69 10.61 -2.49
C LYS B 38 10.19 9.36 -3.23
N GLN B 39 8.91 9.06 -3.07
CA GLN B 39 8.27 8.04 -3.89
C GLN B 39 6.92 8.53 -4.45
N ALA B 40 6.89 8.95 -5.70
CA ALA B 40 5.66 9.35 -6.34
C ALA B 40 4.76 8.10 -6.57
N PRO B 41 3.41 8.28 -6.58
CA PRO B 41 2.49 7.13 -6.59
C PRO B 41 2.75 6.20 -7.77
N GLY B 42 2.85 4.90 -7.45
CA GLY B 42 3.20 3.82 -8.39
C GLY B 42 4.65 3.82 -8.90
N LYS B 43 5.43 4.82 -8.48
CA LYS B 43 6.75 5.01 -9.07
CA LYS B 43 6.76 5.09 -9.04
C LYS B 43 7.89 4.56 -8.15
N ALA B 44 9.11 4.55 -8.66
CA ALA B 44 10.25 4.05 -7.93
C ALA B 44 10.74 5.06 -6.87
N LEU B 45 11.77 4.68 -6.12
CA LEU B 45 12.28 5.51 -5.05
C LEU B 45 13.34 6.49 -5.56
N LYS B 46 13.31 7.71 -5.07
CA LYS B 46 14.26 8.71 -5.50
C LYS B 46 14.98 9.36 -4.30
N TRP B 47 16.31 9.24 -4.23
CA TRP B 47 17.09 9.90 -3.14
C TRP B 47 17.10 11.41 -3.34
N MET B 48 16.61 12.16 -2.34
CA MET B 48 16.47 13.60 -2.46
C MET B 48 17.73 14.31 -2.00
N GLY B 49 18.22 13.89 -0.84
CA GLY B 49 19.43 14.43 -0.26
C GLY B 49 19.53 13.92 1.17
N TRP B 50 20.48 14.49 1.92
CA TRP B 50 20.61 14.23 3.33
C TRP B 50 21.14 15.46 4.05
N ILE B 51 20.88 15.52 5.35
CA ILE B 51 21.50 16.48 6.25
C ILE B 51 22.40 15.71 7.26
N ASN B 52 23.54 16.31 7.56
CA ASN B 52 24.49 15.80 8.53
C ASN B 52 24.25 16.47 9.90
N PRO B 53 23.65 15.75 10.87
CA PRO B 53 23.27 16.32 12.16
C PRO B 53 24.45 16.71 13.00
N TYR B 54 25.61 16.23 12.60
CA TYR B 54 26.83 16.47 13.33
C TYR B 54 27.42 17.80 12.91
N THR B 55 27.25 18.18 11.65
CA THR B 55 27.82 19.47 11.18
C THR B 55 26.74 20.46 10.71
N GLY B 56 25.53 19.95 10.52
CA GLY B 56 24.40 20.78 10.16
C GLY B 56 24.28 21.07 8.68
N GLU B 57 25.21 20.53 7.87
CA GLU B 57 25.15 20.73 6.43
C GLU B 57 24.31 19.76 5.60
N SER B 58 23.73 20.30 4.54
CA SER B 58 22.81 19.59 3.66
C SER B 58 23.43 19.38 2.31
N THR B 59 23.08 18.28 1.67
CA THR B 59 23.41 18.04 0.27
C THR B 59 22.21 17.44 -0.45
N PHE B 60 21.94 17.97 -1.64
CA PHE B 60 20.79 17.63 -2.44
C PHE B 60 21.19 16.96 -3.76
N ALA B 61 20.33 16.05 -4.22
CA ALA B 61 20.41 15.53 -5.57
C ALA B 61 19.97 16.65 -6.54
N ASP B 62 20.45 16.61 -7.78
CA ASP B 62 20.20 17.67 -8.77
C ASP B 62 18.74 18.06 -8.93
N ASP B 63 17.85 17.07 -8.88
CA ASP B 63 16.44 17.37 -9.04
C ASP B 63 15.83 18.11 -7.84
N PHE B 64 16.59 18.25 -6.77
CA PHE B 64 16.02 18.76 -5.52
C PHE B 64 16.73 19.98 -5.01
N LYS B 65 17.54 20.59 -5.87
CA LYS B 65 18.17 21.87 -5.55
C LYS B 65 17.14 22.98 -5.77
N GLY B 66 16.93 23.84 -4.78
CA GLY B 66 16.07 25.01 -4.98
C GLY B 66 14.90 25.16 -4.03
N ARG B 67 13.85 24.38 -4.25
CA ARG B 67 12.62 24.50 -3.47
C ARG B 67 12.58 23.63 -2.21
N PHE B 68 13.71 23.00 -1.87
CA PHE B 68 13.74 21.97 -0.83
C PHE B 68 14.76 22.35 0.24
N ALA B 69 14.47 22.00 1.50
CA ALA B 69 15.32 22.35 2.64
C ALA B 69 15.18 21.28 3.73
N PHE B 70 16.26 21.08 4.48
CA PHE B 70 16.26 20.11 5.57
C PHE B 70 16.58 20.93 6.79
N PHE B 71 15.85 20.72 7.89
CA PHE B 71 16.14 21.39 9.16
C PHE B 71 16.28 20.34 10.24
N LEU B 72 16.85 20.74 11.37
CA LEU B 72 17.03 19.86 12.50
C LEU B 72 16.62 20.57 13.73
N GLU B 73 16.09 19.82 14.68
CA GLU B 73 15.90 20.27 16.05
C GLU B 73 16.56 19.18 16.91
N THR B 74 17.83 19.40 17.21
CA THR B 74 18.67 18.37 17.80
C THR B 74 18.22 17.96 19.21
N SER B 75 17.81 18.94 20.02
CA SER B 75 17.32 18.61 21.36
C SER B 75 16.06 17.75 21.29
N ALA B 76 15.17 18.01 20.30
CA ALA B 76 14.01 17.11 20.16
C ALA B 76 14.25 15.89 19.26
N THR B 77 15.52 15.61 18.95
CA THR B 77 15.89 14.54 17.98
C THR B 77 14.92 14.42 16.79
N THR B 78 14.58 15.56 16.22
CA THR B 78 13.70 15.59 15.07
C THR B 78 14.35 16.26 13.87
N ALA B 79 14.11 15.65 12.73
CA ALA B 79 14.53 16.13 11.42
C ALA B 79 13.30 16.60 10.63
N TYR B 80 13.48 17.64 9.80
CA TYR B 80 12.38 18.13 8.96
C TYR B 80 12.77 18.28 7.51
N LEU B 81 11.75 18.09 6.66
CA LEU B 81 11.83 18.37 5.25
C LEU B 81 10.81 19.46 4.91
N GLN B 82 11.29 20.57 4.38
CA GLN B 82 10.41 21.63 3.92
C GLN B 82 10.45 21.75 2.39
N ILE B 83 9.27 21.86 1.79
CA ILE B 83 9.15 22.06 0.36
C ILE B 83 8.37 23.33 0.19
N ASN B 84 8.92 24.29 -0.54
CA ASN B 84 8.14 25.47 -0.77
C ASN B 84 7.72 25.58 -2.24
N ASN B 85 6.80 26.50 -2.52
CA ASN B 85 6.25 26.70 -3.84
C ASN B 85 5.78 25.38 -4.47
N LEU B 86 4.92 24.69 -3.75
CA LEU B 86 4.48 23.35 -4.10
C LEU B 86 3.88 23.24 -5.52
N LYS B 87 4.21 22.13 -6.19
CA LYS B 87 3.72 21.83 -7.53
C LYS B 87 3.06 20.46 -7.54
N ASN B 88 2.35 20.14 -8.61
CA ASN B 88 1.72 18.84 -8.72
C ASN B 88 2.70 17.67 -8.67
N GLU B 89 3.84 17.80 -9.36
CA GLU B 89 4.90 16.78 -9.31
C GLU B 89 5.35 16.43 -7.88
N ASP B 90 5.07 17.29 -6.91
CA ASP B 90 5.42 17.00 -5.53
C ASP B 90 4.46 16.06 -4.80
N THR B 91 3.30 15.75 -5.36
CA THR B 91 2.38 14.77 -4.77
C THR B 91 3.12 13.43 -4.67
N ALA B 92 3.29 12.93 -3.46
CA ALA B 92 4.13 11.72 -3.26
C ALA B 92 4.16 11.31 -1.81
N THR B 93 4.74 10.15 -1.54
CA THR B 93 5.11 9.78 -0.19
C THR B 93 6.59 10.13 0.05
N TYR B 94 6.89 10.74 1.18
CA TYR B 94 8.26 11.13 1.54
C TYR B 94 8.74 10.34 2.75
N PHE B 95 9.91 9.71 2.62
CA PHE B 95 10.53 8.91 3.69
C PHE B 95 11.78 9.59 4.20
N CYS B 96 11.89 9.72 5.53
CA CYS B 96 13.20 9.88 6.17
C CYS B 96 13.80 8.49 6.40
N ALA B 97 15.13 8.42 6.39
CA ALA B 97 15.81 7.16 6.57
C ALA B 97 17.14 7.52 7.21
N ARG B 98 17.55 6.77 8.22
CA ARG B 98 18.81 7.03 8.92
C ARG B 98 19.94 6.52 8.09
N GLY B 99 20.97 7.34 7.95
CA GLY B 99 22.18 6.92 7.26
C GLY B 99 23.24 6.39 8.22
N THR B 100 23.52 5.09 8.14
CA THR B 100 24.64 4.50 8.87
C THR B 100 25.90 4.74 8.03
N THR B 101 26.65 5.78 8.40
CA THR B 101 27.74 6.26 7.57
C THR B 101 28.90 5.27 7.47
N ILE B 102 28.98 4.32 8.42
CA ILE B 102 30.01 3.30 8.41
C ILE B 102 30.01 2.41 7.16
N VAL B 103 28.85 2.29 6.50
CA VAL B 103 28.80 1.62 5.18
C VAL B 103 28.07 2.42 4.10
N TRP B 104 27.77 3.69 4.38
CA TRP B 104 27.15 4.60 3.40
C TRP B 104 25.82 4.04 2.93
N ALA B 105 24.96 3.71 3.87
CA ALA B 105 23.67 3.08 3.57
C ALA B 105 22.61 3.60 4.54
N MET B 106 21.37 3.61 4.08
CA MET B 106 20.25 3.95 4.91
C MET B 106 19.85 2.65 5.53
N ASP B 107 19.71 2.62 6.85
CA ASP B 107 19.41 1.36 7.51
C ASP B 107 17.99 1.30 8.04
N TYR B 108 17.57 2.26 8.86
CA TYR B 108 16.17 2.34 9.29
C TYR B 108 15.42 3.49 8.64
N TRP B 109 14.18 3.22 8.23
CA TRP B 109 13.33 4.20 7.55
C TRP B 109 12.07 4.52 8.34
N GLY B 110 11.55 5.73 8.14
CA GLY B 110 10.24 6.12 8.70
C GLY B 110 9.12 5.48 7.91
N GLN B 111 7.88 5.61 8.39
CA GLN B 111 6.74 4.92 7.77
C GLN B 111 6.24 5.69 6.55
N GLY B 112 6.82 6.85 6.29
CA GLY B 112 6.39 7.66 5.15
C GLY B 112 5.30 8.66 5.48
N THR B 113 5.37 9.81 4.82
CA THR B 113 4.32 10.83 4.88
C THR B 113 3.80 11.11 3.49
N SER B 114 2.48 11.00 3.32
CA SER B 114 1.84 11.33 2.07
C SER B 114 1.51 12.83 1.95
N VAL B 115 1.97 13.46 0.88
CA VAL B 115 1.65 14.84 0.61
C VAL B 115 0.88 14.92 -0.69
N THR B 116 -0.33 15.50 -0.66
CA THR B 116 -1.11 15.78 -1.87
C THR B 116 -1.12 17.26 -2.15
N VAL B 117 -0.76 17.62 -3.37
CA VAL B 117 -0.83 19.00 -3.84
C VAL B 117 -2.03 19.09 -4.77
N SER B 118 -2.97 19.98 -4.42
CA SER B 118 -4.25 20.05 -5.12
C SER B 118 -4.92 21.38 -4.90
N SER B 119 -5.70 21.81 -5.90
CA SER B 119 -6.56 22.99 -5.75
C SER B 119 -7.85 22.75 -4.92
N ALA B 120 -8.25 21.49 -4.74
CA ALA B 120 -9.54 21.12 -4.13
C ALA B 120 -9.46 21.02 -2.62
N SER B 121 -10.54 21.33 -1.92
CA SER B 121 -10.54 21.15 -0.46
C SER B 121 -10.75 19.72 -0.03
N THR B 122 -10.34 19.39 1.19
N THR B 122 -10.34 19.39 1.19
CA THR B 122 -10.55 18.05 1.69
CA THR B 122 -10.59 18.07 1.76
C THR B 122 -12.03 17.73 1.82
C THR B 122 -12.06 17.73 1.77
N LYS B 123 -12.35 16.44 1.81
CA LYS B 123 -13.70 15.99 1.88
C LYS B 123 -13.59 14.73 2.73
N GLY B 124 -14.27 14.72 3.86
CA GLY B 124 -14.29 13.54 4.70
C GLY B 124 -15.22 12.43 4.19
N PRO B 125 -14.88 11.17 4.50
CA PRO B 125 -15.68 10.03 4.05
C PRO B 125 -16.95 9.85 4.87
N SER B 126 -17.92 9.19 4.24
CA SER B 126 -19.05 8.63 4.93
C SER B 126 -18.72 7.15 5.11
N VAL B 127 -19.10 6.59 6.26
CA VAL B 127 -18.82 5.18 6.54
C VAL B 127 -20.09 4.36 6.69
N PHE B 128 -20.20 3.30 5.90
CA PHE B 128 -21.41 2.47 5.93
C PHE B 128 -21.08 1.02 6.25
N PRO B 129 -21.90 0.38 7.09
CA PRO B 129 -21.66 -1.04 7.42
C PRO B 129 -21.98 -1.96 6.25
N LEU B 130 -21.13 -2.96 6.04
CA LEU B 130 -21.36 -4.06 5.13
C LEU B 130 -21.70 -5.23 6.04
N ALA B 131 -22.98 -5.57 6.09
CA ALA B 131 -23.52 -6.43 7.13
C ALA B 131 -23.26 -7.91 6.86
N PRO B 132 -23.00 -8.70 7.94
CA PRO B 132 -22.58 -10.09 7.89
C PRO B 132 -23.42 -10.94 6.94
N SER B 133 -22.70 -11.68 6.07
N SER B 133 -22.72 -11.67 6.06
CA SER B 133 -23.29 -12.57 5.05
CA SER B 133 -23.36 -12.53 5.05
C SER B 133 -24.29 -13.62 5.59
C SER B 133 -24.32 -13.60 5.61
N SER B 134 -23.94 -14.24 6.72
CA SER B 134 -24.79 -15.27 7.34
C SER B 134 -25.30 -14.95 8.76
N LYS B 135 -26.20 -15.80 9.26
CA LYS B 135 -26.71 -15.69 10.62
C LYS B 135 -25.75 -16.42 11.57
N SER B 136 -25.75 -16.02 12.84
CA SER B 136 -24.91 -16.66 13.88
C SER B 136 -24.98 -18.19 13.95
N THR B 137 -26.19 -18.74 13.78
CA THR B 137 -26.49 -20.17 14.00
C THR B 137 -26.26 -21.10 12.77
N SER B 138 -25.73 -20.55 11.67
CA SER B 138 -25.25 -21.38 10.54
C SER B 138 -23.74 -21.67 10.63
N GLY B 139 -23.24 -22.56 9.78
CA GLY B 139 -21.83 -23.00 9.83
C GLY B 139 -20.82 -22.16 9.07
N GLY B 140 -19.55 -22.53 9.18
CA GLY B 140 -18.47 -21.94 8.40
C GLY B 140 -18.11 -20.51 8.75
N THR B 141 -17.82 -19.71 7.73
CA THR B 141 -17.34 -18.35 7.98
C THR B 141 -18.23 -17.28 7.34
N ALA B 142 -18.30 -16.14 8.01
CA ALA B 142 -19.04 -14.99 7.54
C ALA B 142 -18.08 -13.84 7.16
N ALA B 143 -18.51 -13.02 6.20
CA ALA B 143 -17.78 -11.82 5.81
C ALA B 143 -18.57 -10.57 6.21
N LEU B 144 -17.85 -9.58 6.71
CA LEU B 144 -18.48 -8.30 7.04
C LEU B 144 -17.48 -7.21 6.75
N GLY B 145 -17.95 -5.97 6.71
CA GLY B 145 -17.06 -4.86 6.43
C GLY B 145 -17.63 -3.47 6.61
N CYS B 146 -16.90 -2.53 6.01
CA CYS B 146 -17.18 -1.12 6.03
C CYS B 146 -16.89 -0.53 4.65
N LEU B 147 -17.86 0.21 4.12
CA LEU B 147 -17.68 1.00 2.92
C LEU B 147 -17.28 2.39 3.36
N VAL B 148 -16.10 2.83 2.91
CA VAL B 148 -15.59 4.16 3.22
C VAL B 148 -15.67 4.97 1.94
N LYS B 149 -16.69 5.80 1.87
CA LYS B 149 -17.14 6.36 0.60
C LYS B 149 -16.97 7.89 0.48
N ASP B 150 -16.47 8.32 -0.69
CA ASP B 150 -16.43 9.75 -1.12
C ASP B 150 -15.58 10.65 -0.24
N TYR B 151 -14.28 10.50 -0.32
CA TYR B 151 -13.39 11.35 0.45
C TYR B 151 -12.22 11.82 -0.45
N PHE B 152 -11.46 12.81 0.04
CA PHE B 152 -10.36 13.41 -0.67
C PHE B 152 -9.53 14.22 0.32
N PRO B 153 -8.19 14.05 0.31
CA PRO B 153 -7.48 13.09 -0.55
C PRO B 153 -7.25 11.75 0.15
N GLU B 154 -6.43 10.90 -0.47
CA GLU B 154 -5.87 9.76 0.23
CA GLU B 154 -5.81 9.74 0.17
C GLU B 154 -4.81 10.27 1.22
N PRO B 155 -4.50 9.50 2.26
CA PRO B 155 -4.95 8.18 2.67
C PRO B 155 -6.08 8.24 3.69
N VAL B 156 -6.70 7.10 3.90
CA VAL B 156 -7.64 6.92 4.98
C VAL B 156 -7.02 5.76 5.71
N THR B 157 -7.15 5.67 7.03
CA THR B 157 -6.67 4.48 7.72
C THR B 157 -7.89 3.72 8.30
N VAL B 158 -7.97 2.41 8.04
CA VAL B 158 -9.04 1.58 8.61
C VAL B 158 -8.45 0.51 9.52
N SER B 159 -8.92 0.43 10.74
CA SER B 159 -8.59 -0.72 11.57
C SER B 159 -9.86 -1.42 12.07
N TRP B 160 -9.72 -2.61 12.63
CA TRP B 160 -10.87 -3.28 13.23
C TRP B 160 -10.73 -3.49 14.73
N ASN B 161 -11.76 -3.13 15.50
CA ASN B 161 -11.75 -3.29 16.96
C ASN B 161 -10.50 -2.68 17.57
N SER B 162 -10.12 -1.50 17.08
CA SER B 162 -8.96 -0.74 17.58
C SER B 162 -7.65 -1.52 17.49
N GLY B 163 -7.43 -2.22 16.36
CA GLY B 163 -6.23 -3.05 16.15
C GLY B 163 -6.29 -4.45 16.72
N ALA B 164 -7.27 -4.75 17.56
CA ALA B 164 -7.39 -6.06 18.19
C ALA B 164 -7.84 -7.14 17.22
N LEU B 165 -8.43 -6.75 16.07
CA LEU B 165 -8.80 -7.71 15.04
C LEU B 165 -8.00 -7.51 13.75
N THR B 166 -7.18 -8.50 13.41
CA THR B 166 -6.17 -8.29 12.41
C THR B 166 -6.17 -9.38 11.34
N SER B 167 -6.54 -10.57 11.76
CA SER B 167 -6.54 -11.74 10.91
C SER B 167 -7.77 -11.77 10.01
N GLY B 168 -7.55 -12.00 8.71
CA GLY B 168 -8.66 -12.11 7.78
C GLY B 168 -9.19 -10.77 7.29
N VAL B 169 -8.47 -9.69 7.58
CA VAL B 169 -8.86 -8.35 7.13
C VAL B 169 -8.32 -8.06 5.72
N HIS B 170 -9.14 -7.50 4.84
CA HIS B 170 -8.65 -7.07 3.58
C HIS B 170 -9.17 -5.67 3.37
N THR B 171 -8.24 -4.72 3.32
CA THR B 171 -8.61 -3.35 3.06
C THR B 171 -8.20 -3.07 1.65
N PHE B 172 -9.17 -2.72 0.83
CA PHE B 172 -8.90 -2.58 -0.60
C PHE B 172 -8.26 -1.24 -0.93
N PRO B 173 -7.45 -1.20 -2.01
CA PRO B 173 -6.96 0.04 -2.56
C PRO B 173 -8.11 0.98 -2.88
N ALA B 174 -7.93 2.27 -2.59
CA ALA B 174 -8.96 3.24 -2.95
C ALA B 174 -9.10 3.32 -4.50
N VAL B 175 -10.33 3.53 -4.96
CA VAL B 175 -10.61 3.76 -6.35
C VAL B 175 -11.37 5.10 -6.49
N LEU B 176 -11.08 5.81 -7.58
CA LEU B 176 -11.74 7.05 -7.97
C LEU B 176 -13.07 6.81 -8.69
N GLN B 177 -14.08 7.62 -8.40
CA GLN B 177 -15.34 7.60 -9.16
CA GLN B 177 -15.33 7.60 -9.18
C GLN B 177 -15.35 8.80 -10.11
N SER B 178 -16.31 8.85 -11.03
CA SER B 178 -16.39 10.05 -11.90
C SER B 178 -16.62 11.35 -11.10
N SER B 179 -17.00 11.25 -9.83
CA SER B 179 -17.15 12.44 -9.00
C SER B 179 -15.82 13.10 -8.61
N GLY B 180 -14.69 12.43 -8.89
CA GLY B 180 -13.34 12.87 -8.48
C GLY B 180 -13.01 12.54 -7.02
N LEU B 181 -13.82 11.69 -6.39
CA LEU B 181 -13.58 11.33 -4.99
C LEU B 181 -13.27 9.84 -4.85
N TYR B 182 -12.53 9.48 -3.80
CA TYR B 182 -12.17 8.08 -3.56
C TYR B 182 -13.21 7.34 -2.76
N SER B 183 -13.32 6.06 -3.03
CA SER B 183 -13.97 5.14 -2.11
C SER B 183 -13.16 3.88 -1.96
N LEU B 184 -13.34 3.23 -0.82
CA LEU B 184 -12.81 1.88 -0.60
C LEU B 184 -13.67 1.06 0.39
N SER B 185 -13.46 -0.25 0.39
CA SER B 185 -14.02 -1.12 1.40
C SER B 185 -12.91 -1.79 2.17
N SER B 186 -13.18 -2.06 3.44
CA SER B 186 -12.39 -2.98 4.25
C SER B 186 -13.33 -4.11 4.63
N VAL B 187 -12.90 -5.35 4.48
CA VAL B 187 -13.73 -6.49 4.88
C VAL B 187 -12.92 -7.43 5.76
N VAL B 188 -13.61 -8.25 6.54
CA VAL B 188 -12.98 -9.24 7.38
C VAL B 188 -13.82 -10.52 7.37
N THR B 189 -13.16 -11.67 7.42
CA THR B 189 -13.90 -12.93 7.58
C THR B 189 -13.75 -13.43 9.00
N VAL B 190 -14.84 -13.92 9.55
CA VAL B 190 -14.84 -14.38 10.95
C VAL B 190 -15.69 -15.64 11.06
N PRO B 191 -15.43 -16.45 12.10
CA PRO B 191 -16.34 -17.56 12.24
C PRO B 191 -17.73 -16.96 12.43
N SER B 192 -18.69 -17.43 11.63
CA SER B 192 -20.09 -17.02 11.78
C SER B 192 -20.69 -17.33 13.18
N SER B 193 -20.08 -18.24 13.95
CA SER B 193 -20.59 -18.56 15.29
CA SER B 193 -20.61 -18.56 15.28
C SER B 193 -20.33 -17.39 16.24
N SER B 194 -19.26 -16.65 15.95
CA SER B 194 -18.83 -15.54 16.79
C SER B 194 -19.69 -14.28 16.63
N LEU B 195 -20.52 -14.23 15.58
CA LEU B 195 -21.44 -13.09 15.35
C LEU B 195 -22.45 -12.92 16.49
N GLY B 196 -22.81 -14.03 17.13
CA GLY B 196 -23.68 -14.01 18.30
C GLY B 196 -23.07 -13.28 19.47
N THR B 197 -21.71 -13.36 19.60
CA THR B 197 -21.06 -12.88 20.82
C THR B 197 -20.07 -11.74 20.61
N GLN B 198 -19.23 -11.88 19.58
CA GLN B 198 -18.25 -10.84 19.29
C GLN B 198 -18.87 -9.60 18.63
N THR B 199 -18.36 -8.39 19.03
CA THR B 199 -18.89 -7.22 18.30
C THR B 199 -17.78 -6.70 17.33
N TYR B 200 -18.17 -6.19 16.17
CA TYR B 200 -17.15 -5.77 15.22
C TYR B 200 -17.29 -4.32 14.88
N ILE B 201 -16.25 -3.56 15.17
CA ILE B 201 -16.25 -2.12 14.89
C ILE B 201 -15.12 -1.78 13.94
N CYS B 202 -15.42 -1.01 12.91
CA CYS B 202 -14.34 -0.50 12.08
C CYS B 202 -14.05 0.96 12.46
N ASN B 203 -12.77 1.24 12.64
CA ASN B 203 -12.33 2.57 13.01
C ASN B 203 -11.71 3.18 11.77
N VAL B 204 -12.35 4.24 11.29
CA VAL B 204 -11.88 4.93 10.13
C VAL B 204 -11.33 6.26 10.55
N ASN B 205 -10.15 6.58 10.04
CA ASN B 205 -9.53 7.86 10.30
C ASN B 205 -9.07 8.49 8.99
N HIS B 206 -9.68 9.60 8.63
CA HIS B 206 -9.23 10.41 7.51
C HIS B 206 -8.64 11.68 8.07
N LYS B 207 -7.34 11.69 8.30
CA LYS B 207 -6.67 12.83 8.95
C LYS B 207 -6.73 14.20 8.26
N PRO B 208 -6.63 14.27 6.91
CA PRO B 208 -6.67 15.58 6.26
C PRO B 208 -7.96 16.35 6.53
N SER B 209 -9.04 15.63 6.84
CA SER B 209 -10.34 16.26 7.15
C SER B 209 -10.73 16.18 8.62
N ASN B 210 -9.85 15.61 9.45
CA ASN B 210 -10.12 15.38 10.88
C ASN B 210 -11.37 14.56 11.19
N THR B 211 -11.60 13.58 10.35
CA THR B 211 -12.70 12.65 10.47
C THR B 211 -12.20 11.40 11.16
N LYS B 212 -12.69 11.09 12.36
CA LYS B 212 -12.53 9.77 12.99
C LYS B 212 -13.92 9.18 13.20
N VAL B 213 -14.14 7.93 12.80
CA VAL B 213 -15.47 7.31 12.90
C VAL B 213 -15.31 5.88 13.39
N ASP B 214 -16.22 5.46 14.27
CA ASP B 214 -16.27 4.06 14.67
C ASP B 214 -17.63 3.50 14.37
N LYS B 215 -17.72 2.62 13.38
CA LYS B 215 -19.00 2.04 12.97
C LYS B 215 -19.18 0.60 13.43
N LYS B 216 -20.16 0.35 14.30
CA LYS B 216 -20.55 -1.01 14.68
C LYS B 216 -21.22 -1.71 13.51
N VAL B 217 -20.68 -2.87 13.12
CA VAL B 217 -21.23 -3.70 12.06
C VAL B 217 -21.85 -4.93 12.69
N GLU B 218 -23.16 -5.08 12.57
CA GLU B 218 -23.80 -6.33 13.01
C GLU B 218 -24.94 -6.73 12.09
N PRO B 219 -25.44 -7.98 12.23
CA PRO B 219 -26.55 -8.48 11.41
C PRO B 219 -27.73 -7.53 11.37
#